data_3OJ6
#
_entry.id   3OJ6
#
_cell.length_a   46.480
_cell.length_b   56.280
_cell.length_c   90.290
_cell.angle_alpha   90.00
_cell.angle_beta   95.09
_cell.angle_gamma   90.00
#
_symmetry.space_group_name_H-M   'P 1 21 1'
#
loop_
_entity.id
_entity.type
_entity.pdbx_description
1 polymer 'Blasticidin-S deaminase'
2 non-polymer 'ZINC ION'
3 non-polymer 1,2-ETHANEDIOL
4 non-polymer 'CHLORIDE ION'
5 water water
#
_entity_poly.entity_id   1
_entity_poly.type   'polypeptide(L)'
_entity_poly.pdbx_seq_one_letter_code
;MAHHHHHHMGTLEAQTQGPGSMAPEPLSAAGQNLIDTATSVINGIPVSDFYSVASAAISDDGRVFSGVNVYHFNGGPCAE
LVVLGVAAAAGATKLTHIVAIANEGRGILSPCGRCRQVLADLHPGIKAIVIGKEGPKMVAVEELLPSIYAWDKDYDRI
;
_entity_poly.pdbx_strand_id   A,B,C,D
#
# COMPACT_ATOMS: atom_id res chain seq x y z
N GLU A 25 -28.63 10.68 5.11
CA GLU A 25 -28.83 10.92 6.57
C GLU A 25 -28.09 12.16 7.12
N PRO A 26 -28.82 13.09 7.76
CA PRO A 26 -28.16 14.29 8.26
C PRO A 26 -27.20 14.01 9.40
N LEU A 27 -26.20 14.86 9.54
CA LEU A 27 -25.24 14.78 10.63
C LEU A 27 -25.95 14.72 11.98
N SER A 28 -25.56 13.74 12.79
CA SER A 28 -26.05 13.57 14.14
C SER A 28 -25.14 14.25 15.14
N ALA A 29 -25.62 14.33 16.37
CA ALA A 29 -24.83 14.90 17.46
C ALA A 29 -23.50 14.14 17.64
N ALA A 30 -23.55 12.82 17.62
CA ALA A 30 -22.33 12.01 17.70
C ALA A 30 -21.41 12.28 16.51
N GLY A 31 -22.01 12.47 15.33
CA GLY A 31 -21.24 12.86 14.12
C GLY A 31 -20.52 14.22 14.27
N GLN A 32 -21.20 15.19 14.88
CA GLN A 32 -20.59 16.49 15.11
C GLN A 32 -19.44 16.35 16.09
N ASN A 33 -19.62 15.51 17.11
CA ASN A 33 -18.54 15.24 18.04
C ASN A 33 -17.31 14.60 17.37
N LEU A 34 -17.52 13.74 16.38
CA LEU A 34 -16.37 13.17 15.66
C LEU A 34 -15.67 14.25 14.88
N ILE A 35 -16.43 15.13 14.24
CA ILE A 35 -15.84 16.29 13.56
C ILE A 35 -15.04 17.15 14.53
N ASP A 36 -15.64 17.45 15.69
CA ASP A 36 -14.97 18.27 16.69
C ASP A 36 -13.68 17.58 17.19
N THR A 37 -13.75 16.26 17.41
CA THR A 37 -12.61 15.55 17.92
C THR A 37 -11.45 15.57 16.90
N ALA A 38 -11.75 15.18 15.66
CA ALA A 38 -10.72 15.17 14.61
C ALA A 38 -10.13 16.53 14.35
N THR A 39 -10.97 17.55 14.39
CA THR A 39 -10.50 18.91 14.22
C THR A 39 -9.53 19.29 15.33
N SER A 40 -9.87 18.97 16.57
CA SER A 40 -8.99 19.27 17.71
CA SER A 40 -9.01 19.27 17.71
C SER A 40 -7.66 18.58 17.57
N VAL A 41 -7.71 17.32 17.14
CA VAL A 41 -6.51 16.52 16.98
C VAL A 41 -5.57 17.12 15.94
N ILE A 42 -6.07 17.38 14.73
CA ILE A 42 -5.18 17.81 13.64
C ILE A 42 -4.63 19.19 13.95
N ASN A 43 -5.47 20.03 14.57
CA ASN A 43 -5.01 21.41 14.81
C ASN A 43 -4.15 21.52 16.06
N GLY A 44 -4.05 20.44 16.81
CA GLY A 44 -3.15 20.33 17.96
C GLY A 44 -1.69 19.98 17.70
N ILE A 45 -1.33 19.70 16.45
CA ILE A 45 0.03 19.31 16.08
C ILE A 45 0.57 20.28 15.02
N PRO A 46 1.89 20.32 14.88
CA PRO A 46 2.45 21.26 13.89
C PRO A 46 2.00 20.91 12.47
N VAL A 47 1.81 21.92 11.64
CA VAL A 47 1.46 21.66 10.24
C VAL A 47 2.58 20.91 9.56
N SER A 48 2.22 19.84 8.85
CA SER A 48 3.16 18.91 8.26
C SER A 48 2.61 18.40 6.94
N ASP A 49 3.49 18.22 5.95
CA ASP A 49 3.16 17.54 4.68
C ASP A 49 2.82 16.05 4.88
N PHE A 50 3.30 15.46 5.99
CA PHE A 50 3.29 14.02 6.22
C PHE A 50 2.22 13.59 7.18
N TYR A 51 1.87 14.47 8.12
CA TYR A 51 0.86 14.20 9.13
C TYR A 51 -0.11 15.37 9.03
N SER A 52 -1.03 15.23 8.08
CA SER A 52 -1.85 16.35 7.61
C SER A 52 -3.36 16.16 7.74
N VAL A 53 -3.83 14.98 8.11
CA VAL A 53 -5.26 14.70 8.25
C VAL A 53 -5.50 13.94 9.55
N ALA A 54 -6.54 14.31 10.32
CA ALA A 54 -6.95 13.48 11.45
C ALA A 54 -8.26 12.81 11.13
N SER A 55 -8.51 11.72 11.82
CA SER A 55 -9.78 10.99 11.71
C SER A 55 -10.26 10.61 13.10
N ALA A 56 -11.58 10.52 13.26
CA ALA A 56 -12.18 10.03 14.49
C ALA A 56 -13.30 9.12 14.11
N ALA A 57 -13.48 8.03 14.87
CA ALA A 57 -14.58 7.09 14.66
C ALA A 57 -15.21 6.78 16.01
N ILE A 58 -16.47 6.35 16.00
CA ILE A 58 -17.15 5.97 17.24
C ILE A 58 -17.56 4.51 17.13
N SER A 59 -17.47 3.78 18.22
CA SER A 59 -17.93 2.41 18.31
C SER A 59 -19.43 2.32 18.72
N ASP A 60 -19.94 1.11 18.63
CA ASP A 60 -21.33 0.92 18.99
C ASP A 60 -21.59 1.18 20.47
N ASP A 61 -20.57 1.08 21.32
CA ASP A 61 -20.74 1.41 22.74
C ASP A 61 -20.32 2.84 23.10
N GLY A 62 -20.13 3.69 22.08
CA GLY A 62 -19.96 5.10 22.28
C GLY A 62 -18.53 5.56 22.46
N ARG A 63 -17.56 4.68 22.23
CA ARG A 63 -16.17 5.02 22.42
C ARG A 63 -15.60 5.67 21.17
N VAL A 64 -14.91 6.79 21.38
CA VAL A 64 -14.35 7.58 20.27
C VAL A 64 -12.85 7.37 20.23
N PHE A 65 -12.35 7.11 19.00
CA PHE A 65 -10.93 6.84 18.76
C PHE A 65 -10.47 7.77 17.65
N SER A 66 -9.25 8.25 17.77
CA SER A 66 -8.73 9.16 16.79
C SER A 66 -7.29 8.82 16.38
N GLY A 67 -6.86 9.47 15.31
CA GLY A 67 -5.50 9.36 14.87
C GLY A 67 -5.19 10.29 13.71
N VAL A 68 -3.93 10.30 13.27
CA VAL A 68 -3.49 11.09 12.12
CA VAL A 68 -3.55 11.07 12.08
C VAL A 68 -2.85 10.17 11.05
N ASN A 69 -2.85 10.59 9.79
CA ASN A 69 -2.24 9.83 8.73
C ASN A 69 -0.72 9.77 8.82
N VAL A 70 -0.15 8.90 8.01
CA VAL A 70 1.31 8.80 7.86
C VAL A 70 1.57 8.69 6.37
N TYR A 71 1.95 9.80 5.73
CA TYR A 71 2.16 9.78 4.28
C TYR A 71 3.47 9.17 3.90
N HIS A 72 3.43 8.22 2.98
CA HIS A 72 4.63 7.58 2.50
C HIS A 72 4.30 6.88 1.18
N PHE A 73 5.23 6.95 0.25
CA PHE A 73 5.08 6.37 -1.10
C PHE A 73 4.86 4.86 -1.14
N ASN A 74 5.25 4.16 -0.08
CA ASN A 74 4.90 2.72 0.03
C ASN A 74 3.48 2.44 0.55
N GLY A 75 2.63 3.46 0.66
CA GLY A 75 1.23 3.28 1.06
C GLY A 75 1.00 3.50 2.55
N GLY A 76 1.67 4.52 3.10
CA GLY A 76 1.47 4.91 4.48
C GLY A 76 -0.02 5.15 4.71
N PRO A 77 -0.52 4.72 5.86
CA PRO A 77 -1.97 4.74 6.07
C PRO A 77 -2.57 6.13 6.09
N CYS A 78 -3.78 6.24 5.54
CA CYS A 78 -4.64 7.36 5.88
C CYS A 78 -4.97 7.38 7.37
N ALA A 79 -5.41 8.53 7.83
CA ALA A 79 -5.86 8.70 9.19
C ALA A 79 -6.93 7.67 9.56
N GLU A 80 -7.87 7.40 8.67
CA GLU A 80 -8.94 6.42 8.90
C GLU A 80 -8.37 5.02 9.23
N LEU A 81 -7.30 4.62 8.56
CA LEU A 81 -6.71 3.30 8.81
C LEU A 81 -5.93 3.28 10.10
N VAL A 82 -5.31 4.41 10.48
CA VAL A 82 -4.70 4.53 11.83
C VAL A 82 -5.81 4.36 12.91
N VAL A 83 -6.94 5.04 12.72
CA VAL A 83 -8.09 4.90 13.64
C VAL A 83 -8.54 3.44 13.75
N LEU A 84 -8.58 2.71 12.65
CA LEU A 84 -9.00 1.31 12.75
C LEU A 84 -8.06 0.50 13.65
N GLY A 85 -6.75 0.76 13.55
CA GLY A 85 -5.76 0.12 14.42
C GLY A 85 -5.87 0.52 15.88
N VAL A 86 -6.21 1.77 16.15
CA VAL A 86 -6.41 2.26 17.50
C VAL A 86 -7.64 1.59 18.11
N ALA A 87 -8.71 1.56 17.33
CA ALA A 87 -9.96 0.98 17.76
C ALA A 87 -9.76 -0.51 18.03
N ALA A 88 -9.09 -1.20 17.13
CA ALA A 88 -8.84 -2.64 17.33
C ALA A 88 -8.01 -2.93 18.57
N ALA A 89 -7.01 -2.09 18.84
CA ALA A 89 -6.18 -2.22 20.03
C ALA A 89 -7.01 -2.08 21.31
N ALA A 90 -8.12 -1.35 21.22
CA ALA A 90 -9.00 -1.15 22.38
C ALA A 90 -10.07 -2.23 22.45
N GLY A 91 -10.07 -3.16 21.52
CA GLY A 91 -11.09 -4.20 21.49
C GLY A 91 -12.45 -3.72 21.01
N ALA A 92 -12.49 -2.58 20.35
CA ALA A 92 -13.73 -2.05 19.80
C ALA A 92 -13.96 -2.66 18.43
N THR A 93 -14.79 -3.71 18.40
CA THR A 93 -14.92 -4.53 17.20
C THR A 93 -15.95 -3.96 16.21
N LYS A 94 -16.85 -3.11 16.68
CA LYS A 94 -17.91 -2.56 15.83
C LYS A 94 -17.87 -1.05 15.82
N LEU A 95 -17.52 -0.49 14.68
CA LEU A 95 -17.45 0.94 14.49
C LEU A 95 -18.62 1.37 13.60
N THR A 96 -19.30 2.43 13.99
CA THR A 96 -20.53 2.83 13.34
C THR A 96 -20.42 4.09 12.50
N HIS A 97 -19.52 5.00 12.85
CA HIS A 97 -19.36 6.28 12.13
C HIS A 97 -17.91 6.72 12.12
N ILE A 98 -17.51 7.43 11.06
CA ILE A 98 -16.12 7.89 10.92
C ILE A 98 -16.07 9.16 10.10
N VAL A 99 -15.07 10.00 10.38
CA VAL A 99 -14.82 11.22 9.61
C VAL A 99 -13.33 11.45 9.49
N ALA A 100 -12.95 12.18 8.44
CA ALA A 100 -11.57 12.67 8.24
C ALA A 100 -11.65 14.19 8.13
N ILE A 101 -10.67 14.88 8.71
CA ILE A 101 -10.61 16.34 8.74
C ILE A 101 -9.22 16.83 8.34
N ALA A 102 -9.20 17.77 7.41
CA ALA A 102 -7.98 18.38 6.89
C ALA A 102 -7.35 19.34 7.89
N ASN A 103 -6.08 19.59 7.67
CA ASN A 103 -5.34 20.52 8.54
C ASN A 103 -5.57 22.00 8.20
N GLU A 104 -5.03 22.89 9.04
CA GLU A 104 -5.05 24.34 8.79
C GLU A 104 -6.45 24.87 8.75
N GLY A 105 -7.25 24.33 9.66
CA GLY A 105 -8.57 24.85 9.93
C GLY A 105 -9.59 24.47 8.90
N ARG A 106 -9.38 23.39 8.10
N ARG A 106 -9.23 23.59 7.99
CA ARG A 106 -10.02 23.22 6.76
CA ARG A 106 -10.18 23.21 7.01
C ARG A 106 -11.18 22.27 6.30
C ARG A 106 -11.06 22.18 7.67
N GLY A 107 -11.48 21.20 6.96
CA GLY A 107 -12.80 20.66 7.12
C GLY A 107 -12.81 19.24 6.63
N ILE A 108 -14.02 18.75 6.39
CA ILE A 108 -14.27 17.35 6.04
C ILE A 108 -13.61 16.97 4.74
N LEU A 109 -12.96 15.81 4.76
CA LEU A 109 -12.47 15.15 3.54
C LEU A 109 -13.26 13.86 3.40
N SER A 110 -13.81 13.59 2.21
CA SER A 110 -14.44 12.31 2.01
C SER A 110 -13.35 11.22 2.06
N PRO A 111 -13.73 9.98 2.46
CA PRO A 111 -12.72 8.92 2.41
C PRO A 111 -12.22 8.65 0.99
N CYS A 112 -10.92 8.47 0.85
CA CYS A 112 -10.38 7.98 -0.41
C CYS A 112 -10.89 6.57 -0.69
N GLY A 113 -10.62 6.13 -1.92
CA GLY A 113 -11.06 4.85 -2.35
C GLY A 113 -10.46 3.71 -1.52
N ARG A 114 -9.17 3.76 -1.19
CA ARG A 114 -8.64 2.70 -0.34
C ARG A 114 -9.36 2.63 1.00
N CYS A 115 -9.55 3.78 1.66
CA CYS A 115 -10.26 3.77 2.95
C CYS A 115 -11.67 3.18 2.80
N ARG A 116 -12.38 3.55 1.75
CA ARG A 116 -13.73 2.98 1.50
C ARG A 116 -13.66 1.45 1.45
N GLN A 117 -12.70 0.91 0.70
CA GLN A 117 -12.55 -0.54 0.62
C GLN A 117 -12.26 -1.21 1.95
N VAL A 118 -11.28 -0.68 2.67
CA VAL A 118 -10.93 -1.27 3.94
C VAL A 118 -12.10 -1.22 4.91
N LEU A 119 -12.79 -0.08 4.95
CA LEU A 119 -13.94 0.11 5.84
C LEU A 119 -15.08 -0.85 5.48
N ALA A 120 -15.37 -0.97 4.20
CA ALA A 120 -16.44 -1.85 3.72
C ALA A 120 -16.17 -3.32 4.06
N ASP A 121 -14.92 -3.75 3.86
CA ASP A 121 -14.51 -5.09 4.12
C ASP A 121 -14.43 -5.43 5.63
N LEU A 122 -13.91 -4.51 6.44
CA LEU A 122 -13.66 -4.77 7.86
C LEU A 122 -14.75 -4.26 8.81
N HIS A 123 -15.49 -3.23 8.40
CA HIS A 123 -16.57 -2.64 9.23
C HIS A 123 -17.82 -2.39 8.39
N PRO A 124 -18.42 -3.47 7.90
CA PRO A 124 -19.59 -3.34 7.05
C PRO A 124 -20.65 -2.45 7.67
N GLY A 125 -21.19 -1.56 6.86
CA GLY A 125 -22.24 -0.64 7.23
C GLY A 125 -21.80 0.61 7.97
N ILE A 126 -20.50 0.75 8.23
CA ILE A 126 -20.00 2.00 8.86
C ILE A 126 -20.34 3.21 7.97
N LYS A 127 -20.77 4.30 8.60
CA LYS A 127 -21.11 5.52 7.86
C LYS A 127 -19.99 6.52 7.92
N ALA A 128 -19.60 7.00 6.75
CA ALA A 128 -18.61 8.06 6.61
C ALA A 128 -19.31 9.38 6.51
N ILE A 129 -18.78 10.39 7.19
CA ILE A 129 -19.34 11.73 7.17
C ILE A 129 -18.70 12.49 6.02
N VAL A 130 -19.53 13.10 5.18
CA VAL A 130 -19.08 13.79 3.97
C VAL A 130 -19.87 15.08 3.81
N ILE A 131 -19.37 15.97 2.96
CA ILE A 131 -20.08 17.23 2.67
C ILE A 131 -21.39 16.91 2.00
N GLY A 132 -22.43 17.64 2.36
CA GLY A 132 -23.74 17.49 1.74
C GLY A 132 -24.39 18.81 1.40
N LYS A 133 -25.52 18.74 0.69
CA LYS A 133 -26.17 19.94 0.17
C LYS A 133 -26.68 20.88 1.25
N GLU A 134 -27.29 20.31 2.30
CA GLU A 134 -27.84 21.10 3.37
C GLU A 134 -27.00 21.11 4.62
N GLY A 135 -25.84 20.47 4.58
CA GLY A 135 -25.05 20.23 5.76
C GLY A 135 -24.37 18.88 5.57
N PRO A 136 -23.45 18.51 6.46
CA PRO A 136 -22.77 17.23 6.30
C PRO A 136 -23.76 16.09 6.39
N LYS A 137 -23.45 15.01 5.68
CA LYS A 137 -24.30 13.83 5.69
C LYS A 137 -23.50 12.60 6.03
N MET A 138 -24.22 11.56 6.42
CA MET A 138 -23.62 10.33 6.89
C MET A 138 -24.10 9.21 5.95
N VAL A 139 -23.13 8.64 5.24
CA VAL A 139 -23.33 7.70 4.16
C VAL A 139 -22.67 6.34 4.46
N ALA A 140 -23.46 5.27 4.44
CA ALA A 140 -22.91 3.92 4.51
C ALA A 140 -21.79 3.74 3.49
N VAL A 141 -20.65 3.23 3.95
CA VAL A 141 -19.49 3.09 3.07
C VAL A 141 -19.80 2.31 1.78
N GLU A 142 -20.70 1.33 1.85
CA GLU A 142 -21.09 0.59 0.66
C GLU A 142 -21.71 1.48 -0.43
N GLU A 143 -22.45 2.52 -0.03
CA GLU A 143 -23.02 3.46 -1.01
C GLU A 143 -21.98 4.35 -1.63
N LEU A 144 -20.82 4.47 -0.97
CA LEU A 144 -19.66 5.16 -1.53
C LEU A 144 -18.79 4.28 -2.47
N LEU A 145 -19.17 3.01 -2.62
CA LEU A 145 -18.53 2.09 -3.59
C LEU A 145 -19.64 1.40 -4.41
N PRO A 146 -20.27 2.14 -5.31
CA PRO A 146 -21.22 1.50 -6.21
C PRO A 146 -20.58 0.39 -7.05
N SER A 147 -21.37 -0.64 -7.44
CA SER A 147 -20.82 -1.81 -8.09
CA SER A 147 -20.82 -1.82 -8.09
C SER A 147 -19.62 -2.34 -7.30
N ILE A 148 -19.87 -2.63 -6.03
CA ILE A 148 -18.83 -2.95 -5.07
C ILE A 148 -18.00 -4.20 -5.41
N TYR A 149 -16.72 -4.18 -5.04
CA TYR A 149 -15.94 -5.39 -4.95
C TYR A 149 -15.96 -5.80 -3.48
N ALA A 150 -16.49 -6.98 -3.19
CA ALA A 150 -16.56 -7.49 -1.81
C ALA A 150 -15.50 -8.55 -1.65
N TRP A 151 -14.53 -8.28 -0.79
CA TRP A 151 -13.44 -9.24 -0.51
C TRP A 151 -13.99 -10.42 0.29
N ASP A 152 -13.75 -11.64 -0.17
CA ASP A 152 -14.05 -12.81 0.68
C ASP A 152 -12.87 -12.94 1.63
N LYS A 153 -13.08 -12.46 2.85
CA LYS A 153 -12.03 -12.26 3.85
C LYS A 153 -11.44 -13.56 4.38
N ASP A 154 -12.16 -14.66 4.17
CA ASP A 154 -11.69 -15.98 4.59
C ASP A 154 -10.40 -16.40 3.87
N TYR A 155 -10.11 -15.79 2.71
CA TYR A 155 -8.97 -16.20 1.88
C TYR A 155 -8.00 -15.08 1.58
N ASP A 156 -6.72 -15.43 1.52
CA ASP A 156 -5.69 -14.51 1.09
C ASP A 156 -5.64 -14.46 -0.42
N ARG A 157 -6.74 -13.99 -1.02
CA ARG A 157 -6.90 -13.88 -2.47
C ARG A 157 -7.91 -12.77 -2.83
N ILE A 158 -7.69 -12.19 -4.02
CA ILE A 158 -8.68 -11.30 -4.63
C ILE A 158 -9.58 -12.12 -5.57
N ALA B 23 -24.59 8.60 -17.65
CA ALA B 23 -25.11 7.20 -17.49
C ALA B 23 -24.09 6.17 -18.02
N PRO B 24 -24.03 4.99 -17.41
CA PRO B 24 -23.16 3.94 -17.94
C PRO B 24 -23.40 3.60 -19.41
N GLU B 25 -22.31 3.35 -20.13
CA GLU B 25 -22.34 2.98 -21.53
C GLU B 25 -22.39 1.45 -21.67
N PRO B 26 -23.08 0.95 -22.70
CA PRO B 26 -23.00 -0.49 -22.97
C PRO B 26 -21.61 -0.93 -23.41
N LEU B 27 -21.27 -2.18 -23.15
CA LEU B 27 -19.98 -2.75 -23.53
C LEU B 27 -19.70 -2.56 -25.04
N SER B 28 -18.55 -2.00 -25.38
CA SER B 28 -18.14 -1.81 -26.78
C SER B 28 -17.29 -2.98 -27.28
N ALA B 29 -17.05 -3.03 -28.58
CA ALA B 29 -16.15 -4.06 -29.12
C ALA B 29 -14.76 -4.00 -28.46
N ALA B 30 -14.22 -2.80 -28.27
CA ALA B 30 -12.95 -2.64 -27.59
C ALA B 30 -13.06 -3.16 -26.15
N GLY B 31 -14.20 -2.93 -25.51
CA GLY B 31 -14.40 -3.45 -24.15
C GLY B 31 -14.36 -4.97 -24.11
N GLN B 32 -15.06 -5.60 -25.05
CA GLN B 32 -15.05 -7.04 -25.16
C GLN B 32 -13.66 -7.57 -25.45
N ASN B 33 -12.90 -6.87 -26.29
CA ASN B 33 -11.50 -7.29 -26.54
C ASN B 33 -10.63 -7.27 -25.26
N LEU B 34 -10.90 -6.31 -24.37
CA LEU B 34 -10.20 -6.29 -23.08
C LEU B 34 -10.60 -7.48 -22.18
N ILE B 35 -11.89 -7.78 -22.13
CA ILE B 35 -12.38 -8.97 -21.42
C ILE B 35 -11.68 -10.22 -21.97
N ASP B 36 -11.59 -10.32 -23.29
CA ASP B 36 -10.99 -11.48 -23.95
C ASP B 36 -9.50 -11.57 -23.67
N THR B 37 -8.83 -10.42 -23.67
CA THR B 37 -7.41 -10.38 -23.37
C THR B 37 -7.14 -10.86 -21.95
N ALA B 38 -7.85 -10.29 -20.98
CA ALA B 38 -7.65 -10.61 -19.57
C ALA B 38 -8.02 -12.07 -19.31
N THR B 39 -9.07 -12.55 -19.99
CA THR B 39 -9.51 -13.94 -19.86
C THR B 39 -8.41 -14.89 -20.35
N SER B 40 -7.82 -14.63 -21.52
CA SER B 40 -6.76 -15.49 -22.06
CA SER B 40 -6.78 -15.53 -22.03
C SER B 40 -5.55 -15.46 -21.11
N VAL B 41 -5.27 -14.28 -20.56
CA VAL B 41 -4.13 -14.17 -19.66
C VAL B 41 -4.32 -15.02 -18.40
N ILE B 42 -5.44 -14.82 -17.70
CA ILE B 42 -5.65 -15.49 -16.42
C ILE B 42 -5.85 -17.00 -16.64
N ASN B 43 -6.43 -17.38 -17.76
CA ASN B 43 -6.60 -18.82 -18.04
C ASN B 43 -5.32 -19.53 -18.43
N GLY B 44 -4.32 -18.77 -18.83
CA GLY B 44 -3.09 -19.35 -19.32
C GLY B 44 -2.03 -19.61 -18.25
N ILE B 45 -2.35 -19.35 -16.99
CA ILE B 45 -1.40 -19.50 -15.88
C ILE B 45 -1.98 -20.42 -14.79
N PRO B 46 -1.12 -21.09 -14.03
CA PRO B 46 -1.53 -21.92 -12.91
C PRO B 46 -2.45 -21.19 -11.93
N VAL B 47 -3.51 -21.86 -11.47
CA VAL B 47 -4.41 -21.29 -10.47
C VAL B 47 -3.60 -21.01 -9.21
N SER B 48 -3.61 -19.75 -8.77
CA SER B 48 -2.84 -19.32 -7.61
C SER B 48 -3.62 -18.29 -6.78
N ASP B 49 -3.49 -18.35 -5.46
CA ASP B 49 -4.09 -17.33 -4.57
C ASP B 49 -3.34 -15.99 -4.58
N PHE B 50 -2.10 -16.04 -5.08
CA PHE B 50 -1.22 -14.85 -5.09
C PHE B 50 -1.40 -14.08 -6.38
N TYR B 51 -1.79 -14.79 -7.43
CA TYR B 51 -1.93 -14.23 -8.79
C TYR B 51 -3.26 -14.69 -9.36
N SER B 52 -4.34 -14.08 -8.88
CA SER B 52 -5.69 -14.61 -9.10
C SER B 52 -6.55 -13.77 -10.02
N VAL B 53 -6.05 -12.60 -10.43
CA VAL B 53 -6.84 -11.68 -11.26
C VAL B 53 -5.97 -11.13 -12.35
N ALA B 54 -6.49 -11.10 -13.57
CA ALA B 54 -5.86 -10.38 -14.68
C ALA B 54 -6.64 -9.11 -15.01
N SER B 55 -5.94 -8.11 -15.53
CA SER B 55 -6.53 -6.89 -16.02
C SER B 55 -6.02 -6.56 -17.43
N ALA B 56 -6.85 -5.85 -18.19
CA ALA B 56 -6.46 -5.33 -19.48
C ALA B 56 -7.02 -3.94 -19.64
N ALA B 57 -6.22 -3.07 -20.23
CA ALA B 57 -6.63 -1.71 -20.51
C ALA B 57 -6.21 -1.34 -21.94
N ILE B 58 -6.94 -0.41 -22.55
CA ILE B 58 -6.66 0.07 -23.91
C ILE B 58 -6.33 1.57 -23.83
N SER B 59 -5.31 1.96 -24.60
CA SER B 59 -4.93 3.36 -24.73
C SER B 59 -5.66 4.03 -25.89
N ASP B 60 -5.56 5.34 -25.91
CA ASP B 60 -6.09 6.11 -27.02
C ASP B 60 -5.40 5.72 -28.35
N ASP B 61 -4.12 5.37 -28.32
CA ASP B 61 -3.38 4.95 -29.54
C ASP B 61 -3.71 3.51 -29.99
N GLY B 62 -4.66 2.88 -29.29
CA GLY B 62 -5.22 1.59 -29.66
C GLY B 62 -4.47 0.36 -29.17
N ARG B 63 -3.44 0.54 -28.34
CA ARG B 63 -2.68 -0.62 -27.84
C ARG B 63 -3.33 -1.15 -26.59
N VAL B 64 -3.25 -2.47 -26.42
CA VAL B 64 -3.84 -3.12 -25.26
C VAL B 64 -2.73 -3.63 -24.34
N PHE B 65 -2.86 -3.36 -23.04
CA PHE B 65 -1.87 -3.73 -22.05
C PHE B 65 -2.50 -4.60 -20.98
N SER B 66 -1.79 -5.62 -20.50
CA SER B 66 -2.36 -6.54 -19.53
C SER B 66 -1.40 -6.88 -18.38
N GLY B 67 -1.94 -7.46 -17.31
CA GLY B 67 -1.10 -7.89 -16.19
C GLY B 67 -1.94 -8.69 -15.21
N VAL B 68 -1.30 -9.21 -14.17
CA VAL B 68 -1.99 -9.97 -13.14
C VAL B 68 -1.58 -9.34 -11.82
N ASN B 69 -2.43 -9.47 -10.81
CA ASN B 69 -2.16 -8.92 -9.47
C ASN B 69 -0.98 -9.60 -8.76
N VAL B 70 -0.49 -8.93 -7.73
CA VAL B 70 0.56 -9.46 -6.87
C VAL B 70 0.04 -9.31 -5.45
N TYR B 71 -0.46 -10.40 -4.90
CA TYR B 71 -1.09 -10.39 -3.59
C TYR B 71 -0.04 -10.32 -2.49
N HIS B 72 -0.07 -9.25 -1.70
CA HIS B 72 0.87 -9.16 -0.59
C HIS B 72 0.40 -8.22 0.49
N PHE B 73 0.66 -8.58 1.75
CA PHE B 73 0.12 -7.83 2.88
C PHE B 73 0.63 -6.38 2.99
N ASN B 74 1.77 -6.08 2.36
CA ASN B 74 2.27 -4.69 2.30
C ASN B 74 1.56 -3.88 1.21
N GLY B 75 0.49 -4.41 0.61
CA GLY B 75 -0.24 -3.73 -0.41
C GLY B 75 0.25 -4.00 -1.81
N GLY B 76 0.59 -5.25 -2.10
CA GLY B 76 0.94 -5.65 -3.45
C GLY B 76 -0.18 -5.20 -4.41
N PRO B 77 0.19 -4.77 -5.61
CA PRO B 77 -0.76 -4.14 -6.53
C PRO B 77 -1.84 -5.11 -7.04
N CYS B 78 -3.04 -4.58 -7.16
CA CYS B 78 -4.04 -5.21 -8.02
C CYS B 78 -3.56 -5.24 -9.45
N ALA B 79 -4.22 -6.12 -10.21
CA ALA B 79 -3.95 -6.27 -11.63
C ALA B 79 -4.05 -4.94 -12.38
N GLU B 80 -5.03 -4.11 -12.02
CA GLU B 80 -5.22 -2.81 -12.69
C GLU B 80 -4.00 -1.92 -12.50
N LEU B 81 -3.41 -1.93 -11.31
CA LEU B 81 -2.23 -1.10 -11.05
C LEU B 81 -0.98 -1.58 -11.78
N VAL B 82 -0.85 -2.91 -11.89
CA VAL B 82 0.19 -3.49 -12.76
C VAL B 82 -0.01 -3.01 -14.21
N VAL B 83 -1.24 -3.05 -14.72
CA VAL B 83 -1.52 -2.57 -16.06
C VAL B 83 -1.10 -1.12 -16.24
N LEU B 84 -1.37 -0.27 -15.25
CA LEU B 84 -0.93 1.12 -15.37
C LEU B 84 0.59 1.26 -15.55
N GLY B 85 1.34 0.46 -14.80
CA GLY B 85 2.79 0.43 -14.95
C GLY B 85 3.28 -0.11 -16.29
N VAL B 86 2.56 -1.10 -16.83
CA VAL B 86 2.87 -1.72 -18.15
C VAL B 86 2.66 -0.67 -19.23
N ALA B 87 1.47 -0.06 -19.21
CA ALA B 87 1.10 1.02 -20.11
C ALA B 87 2.13 2.15 -20.07
N ALA B 88 2.50 2.61 -18.86
CA ALA B 88 3.47 3.71 -18.75
C ALA B 88 4.82 3.34 -19.34
N ALA B 89 5.27 2.11 -19.11
CA ALA B 89 6.56 1.63 -19.63
C ALA B 89 6.52 1.60 -21.15
N ALA B 90 5.34 1.35 -21.73
CA ALA B 90 5.17 1.30 -23.19
C ALA B 90 5.05 2.69 -23.83
N GLY B 91 5.05 3.74 -22.99
CA GLY B 91 4.83 5.13 -23.44
C GLY B 91 3.39 5.48 -23.81
N ALA B 92 2.42 4.73 -23.28
CA ALA B 92 1.00 4.99 -23.53
C ALA B 92 0.41 5.83 -22.40
N THR B 93 0.37 7.14 -22.59
CA THR B 93 0.03 8.09 -21.52
C THR B 93 -1.48 8.24 -21.22
N LYS B 94 -2.33 7.69 -22.07
CA LYS B 94 -3.78 7.92 -21.96
C LYS B 94 -4.58 6.64 -22.10
N LEU B 95 -5.10 6.14 -21.00
CA LEU B 95 -5.89 4.92 -21.00
C LEU B 95 -7.37 5.27 -20.89
N THR B 96 -8.19 4.64 -21.72
CA THR B 96 -9.60 5.02 -21.85
C THR B 96 -10.58 4.01 -21.23
N HIS B 97 -10.21 2.73 -21.24
CA HIS B 97 -11.04 1.66 -20.72
C HIS B 97 -10.19 0.60 -20.03
N ILE B 98 -10.73 -0.04 -18.99
CA ILE B 98 -10.03 -1.07 -18.24
C ILE B 98 -11.01 -2.08 -17.66
N VAL B 99 -10.56 -3.34 -17.55
CA VAL B 99 -11.35 -4.36 -16.88
C VAL B 99 -10.47 -5.26 -16.07
N ALA B 100 -11.08 -5.92 -15.07
CA ALA B 100 -10.44 -6.95 -14.29
C ALA B 100 -11.28 -8.23 -14.42
N ILE B 101 -10.58 -9.35 -14.72
CA ILE B 101 -11.17 -10.69 -14.86
C ILE B 101 -10.50 -11.63 -13.86
N ALA B 102 -11.31 -12.25 -13.02
CA ALA B 102 -10.84 -13.18 -12.03
C ALA B 102 -10.65 -14.60 -12.58
N ASN B 103 -9.80 -15.37 -11.91
CA ASN B 103 -9.50 -16.75 -12.26
C ASN B 103 -10.69 -17.68 -12.01
N GLU B 104 -10.54 -18.90 -12.48
CA GLU B 104 -11.51 -19.97 -12.22
C GLU B 104 -12.90 -19.57 -12.73
N GLY B 105 -12.92 -18.85 -13.84
CA GLY B 105 -14.18 -18.45 -14.48
C GLY B 105 -15.05 -17.54 -13.64
N ARG B 106 -14.43 -16.88 -12.64
CA ARG B 106 -15.16 -15.97 -11.76
C ARG B 106 -15.57 -14.63 -12.42
N GLY B 107 -15.05 -14.35 -13.62
CA GLY B 107 -15.53 -13.24 -14.45
C GLY B 107 -15.09 -11.84 -14.06
N ILE B 108 -15.91 -10.85 -14.43
CA ILE B 108 -15.61 -9.44 -14.17
C ILE B 108 -15.65 -9.16 -12.66
N LEU B 109 -14.57 -8.52 -12.18
CA LEU B 109 -14.56 -7.97 -10.85
C LEU B 109 -14.55 -6.46 -11.04
N SER B 110 -15.40 -5.76 -10.30
CA SER B 110 -15.31 -4.31 -10.26
C SER B 110 -13.97 -3.88 -9.64
N PRO B 111 -13.45 -2.71 -10.05
CA PRO B 111 -12.28 -2.20 -9.35
C PRO B 111 -12.56 -2.03 -7.84
N CYS B 112 -11.55 -2.39 -7.04
CA CYS B 112 -11.62 -2.15 -5.61
C CYS B 112 -11.48 -0.67 -5.36
N GLY B 113 -11.71 -0.26 -4.12
CA GLY B 113 -11.64 1.14 -3.79
C GLY B 113 -10.28 1.74 -4.05
N ARG B 114 -9.19 1.01 -3.75
CA ARG B 114 -7.88 1.59 -4.03
C ARG B 114 -7.71 1.83 -5.53
N CYS B 115 -8.05 0.84 -6.35
CA CYS B 115 -7.91 0.99 -7.77
C CYS B 115 -8.71 2.20 -8.27
N ARG B 116 -9.94 2.37 -7.77
CA ARG B 116 -10.74 3.52 -8.20
C ARG B 116 -10.01 4.83 -7.93
N GLN B 117 -9.40 4.95 -6.74
CA GLN B 117 -8.71 6.17 -6.36
C GLN B 117 -7.50 6.44 -7.27
N VAL B 118 -6.70 5.41 -7.47
CA VAL B 118 -5.49 5.56 -8.30
C VAL B 118 -5.88 5.90 -9.73
N LEU B 119 -6.86 5.17 -10.27
CA LEU B 119 -7.40 5.44 -11.61
C LEU B 119 -7.93 6.89 -11.74
N ALA B 120 -8.71 7.36 -10.78
CA ALA B 120 -9.30 8.70 -10.86
C ALA B 120 -8.22 9.77 -10.80
N ASP B 121 -7.23 9.55 -9.95
CA ASP B 121 -6.14 10.51 -9.76
C ASP B 121 -5.16 10.54 -10.92
N LEU B 122 -4.91 9.40 -11.55
CA LEU B 122 -3.88 9.28 -12.58
C LEU B 122 -4.42 9.22 -14.00
N HIS B 123 -5.64 8.69 -14.16
CA HIS B 123 -6.26 8.55 -15.47
C HIS B 123 -7.70 9.03 -15.43
N PRO B 124 -7.92 10.32 -15.15
CA PRO B 124 -9.28 10.85 -15.03
C PRO B 124 -10.11 10.52 -16.26
N GLY B 125 -11.34 10.08 -16.01
CA GLY B 125 -12.31 9.74 -17.04
C GLY B 125 -12.17 8.34 -17.60
N ILE B 126 -11.20 7.57 -17.13
CA ILE B 126 -11.05 6.21 -17.60
C ILE B 126 -12.32 5.47 -17.23
N LYS B 127 -12.83 4.64 -18.14
CA LYS B 127 -14.02 3.87 -17.89
C LYS B 127 -13.68 2.46 -17.44
N ALA B 128 -14.23 2.08 -16.28
CA ALA B 128 -14.10 0.73 -15.79
C ALA B 128 -15.28 -0.14 -16.25
N ILE B 129 -14.98 -1.36 -16.64
CA ILE B 129 -16.01 -2.29 -17.10
C ILE B 129 -16.47 -3.10 -15.91
N VAL B 130 -17.77 -3.05 -15.63
CA VAL B 130 -18.36 -3.69 -14.46
C VAL B 130 -19.59 -4.47 -14.89
N ILE B 131 -20.07 -5.35 -14.03
CA ILE B 131 -21.27 -6.13 -14.42
C ILE B 131 -22.53 -5.25 -14.42
N GLY B 132 -23.47 -5.60 -15.30
CA GLY B 132 -24.77 -4.93 -15.33
C GLY B 132 -25.86 -5.98 -15.41
N LYS B 133 -27.09 -5.59 -15.06
CA LYS B 133 -28.25 -6.47 -15.20
C LYS B 133 -28.44 -6.96 -16.65
N GLU B 134 -28.10 -6.12 -17.63
CA GLU B 134 -28.25 -6.46 -19.07
C GLU B 134 -26.91 -6.58 -19.81
N GLY B 135 -25.91 -7.16 -19.15
CA GLY B 135 -24.59 -7.30 -19.73
C GLY B 135 -23.67 -6.27 -19.08
N PRO B 136 -22.36 -6.37 -19.35
CA PRO B 136 -21.44 -5.46 -18.68
C PRO B 136 -21.62 -4.01 -19.17
N LYS B 137 -21.29 -3.05 -18.32
CA LYS B 137 -21.31 -1.64 -18.69
C LYS B 137 -20.00 -0.97 -18.43
N MET B 138 -19.77 0.16 -19.10
CA MET B 138 -18.53 0.89 -18.94
C MET B 138 -18.83 2.22 -18.27
N VAL B 139 -18.26 2.39 -17.07
CA VAL B 139 -18.53 3.49 -16.15
C VAL B 139 -17.28 4.31 -15.86
N ALA B 140 -17.39 5.63 -16.04
CA ALA B 140 -16.28 6.55 -15.74
C ALA B 140 -15.92 6.34 -14.30
N VAL B 141 -14.63 6.29 -13.99
CA VAL B 141 -14.23 5.86 -12.65
C VAL B 141 -14.68 6.84 -11.55
N GLU B 142 -14.83 8.12 -11.88
CA GLU B 142 -15.35 9.12 -10.93
C GLU B 142 -16.76 8.77 -10.46
N GLU B 143 -17.57 8.17 -11.34
CA GLU B 143 -18.91 7.73 -10.94
C GLU B 143 -18.86 6.57 -9.93
N LEU B 144 -17.75 5.86 -9.88
CA LEU B 144 -17.56 4.76 -8.91
C LEU B 144 -17.08 5.26 -7.54
N LEU B 145 -16.83 6.55 -7.43
CA LEU B 145 -16.48 7.19 -6.18
C LEU B 145 -17.38 8.42 -5.91
N PRO B 146 -18.65 8.17 -5.53
CA PRO B 146 -19.53 9.27 -5.13
C PRO B 146 -18.90 10.11 -4.02
N SER B 147 -19.15 11.41 -4.00
CA SER B 147 -18.49 12.29 -3.01
CA SER B 147 -18.48 12.29 -3.02
C SER B 147 -16.96 12.07 -3.04
N ILE B 148 -16.39 12.19 -4.25
CA ILE B 148 -15.00 11.82 -4.48
C ILE B 148 -13.96 12.59 -3.64
N TYR B 149 -12.91 11.88 -3.22
CA TYR B 149 -11.73 12.51 -2.67
C TYR B 149 -10.77 12.75 -3.84
N ALA B 150 -10.35 13.99 -4.05
CA ALA B 150 -9.35 14.29 -5.08
C ALA B 150 -7.96 14.52 -4.45
N TRP B 151 -6.95 13.77 -4.91
CA TRP B 151 -5.57 14.08 -4.55
C TRP B 151 -5.14 15.43 -5.16
N ASP B 152 -4.77 16.38 -4.30
CA ASP B 152 -4.49 17.75 -4.73
C ASP B 152 -3.02 17.91 -5.14
N ASP B 154 0.14 19.16 -5.10
CA ASP B 154 1.04 20.12 -4.45
C ASP B 154 2.18 20.53 -5.38
N TYR B 155 2.09 21.77 -5.91
CA TYR B 155 3.07 22.29 -6.87
C TYR B 155 4.52 22.39 -6.35
N ASP B 156 4.68 22.54 -5.04
CA ASP B 156 6.02 22.57 -4.42
C ASP B 156 6.73 21.20 -4.45
N ARG B 157 5.99 20.10 -4.51
CA ARG B 157 6.57 18.76 -4.33
C ARG B 157 6.68 17.99 -5.65
N GLU C 25 28.30 -10.43 -5.08
CA GLU C 25 28.56 -10.99 -6.45
C GLU C 25 28.74 -9.86 -7.45
N PRO C 26 29.83 -9.91 -8.24
CA PRO C 26 29.99 -8.90 -9.26
C PRO C 26 28.87 -8.98 -10.30
N LEU C 27 28.57 -7.86 -10.93
CA LEU C 27 27.60 -7.83 -12.05
C LEU C 27 27.94 -8.85 -13.15
N SER C 28 26.96 -9.69 -13.52
CA SER C 28 27.13 -10.69 -14.59
C SER C 28 26.70 -10.14 -15.93
N ALA C 29 27.05 -10.83 -17.03
CA ALA C 29 26.57 -10.45 -18.36
C ALA C 29 25.04 -10.38 -18.42
N ALA C 30 24.35 -11.35 -17.79
CA ALA C 30 22.89 -11.31 -17.68
C ALA C 30 22.43 -10.03 -16.95
N GLY C 31 23.11 -9.67 -15.87
CA GLY C 31 22.73 -8.47 -15.10
C GLY C 31 22.93 -7.23 -15.93
N GLN C 32 23.99 -7.21 -16.75
CA GLN C 32 24.21 -6.05 -17.63
C GLN C 32 23.12 -5.96 -18.69
N ASN C 33 22.73 -7.10 -19.26
CA ASN C 33 21.62 -7.13 -20.22
C ASN C 33 20.35 -6.59 -19.57
N LEU C 34 20.15 -6.92 -18.30
CA LEU C 34 18.95 -6.45 -17.56
C LEU C 34 18.96 -4.91 -17.35
N ILE C 35 20.13 -4.40 -16.99
CA ILE C 35 20.34 -2.95 -16.85
C ILE C 35 20.07 -2.25 -18.16
N ASP C 36 20.59 -2.81 -19.28
CA ASP C 36 20.32 -2.23 -20.60
C ASP C 36 18.82 -2.14 -20.83
N THR C 37 18.10 -3.25 -20.56
CA THR C 37 16.65 -3.29 -20.79
C THR C 37 15.92 -2.23 -19.97
N ALA C 38 16.20 -2.19 -18.67
CA ALA C 38 15.50 -1.23 -17.77
C ALA C 38 15.86 0.23 -18.12
N THR C 39 17.11 0.48 -18.46
CA THR C 39 17.55 1.83 -18.85
C THR C 39 16.85 2.29 -20.13
N SER C 40 16.74 1.36 -21.08
CA SER C 40 16.04 1.62 -22.34
CA SER C 40 16.05 1.65 -22.35
C SER C 40 14.59 2.00 -22.10
N VAL C 41 13.97 1.35 -21.13
CA VAL C 41 12.57 1.60 -20.85
C VAL C 41 12.35 3.02 -20.27
N ILE C 42 13.03 3.36 -19.19
CA ILE C 42 12.82 4.67 -18.55
C ILE C 42 13.28 5.85 -19.43
N ASN C 43 14.32 5.63 -20.23
CA ASN C 43 14.77 6.69 -21.16
C ASN C 43 13.90 6.82 -22.41
N GLY C 44 13.06 5.82 -22.67
CA GLY C 44 12.19 5.81 -23.84
C GLY C 44 10.80 6.41 -23.70
N ILE C 45 10.48 6.95 -22.53
CA ILE C 45 9.15 7.51 -22.27
C ILE C 45 9.27 8.93 -21.71
N PRO C 46 8.19 9.74 -21.83
CA PRO C 46 8.26 11.14 -21.39
C PRO C 46 8.35 11.33 -19.88
N VAL C 47 8.56 12.58 -19.45
CA VAL C 47 8.44 12.98 -18.05
C VAL C 47 6.97 12.89 -17.61
N SER C 48 6.76 12.43 -16.38
CA SER C 48 5.42 12.34 -15.79
C SER C 48 5.46 12.70 -14.33
N ASP C 49 4.35 13.29 -13.86
CA ASP C 49 4.18 13.53 -12.43
C ASP C 49 4.04 12.22 -11.63
N PHE C 50 3.82 11.09 -12.31
CA PHE C 50 3.43 9.81 -11.65
C PHE C 50 4.38 8.63 -11.82
N TYR C 51 5.50 8.85 -12.49
CA TYR C 51 6.51 7.82 -12.56
CA TYR C 51 6.43 7.79 -12.82
C TYR C 51 7.85 8.42 -12.81
N SER C 52 8.85 7.61 -12.48
CA SER C 52 10.24 8.06 -12.50
C SER C 52 11.26 6.90 -12.47
N VAL C 53 10.78 5.64 -12.47
CA VAL C 53 11.66 4.46 -12.37
C VAL C 53 11.16 3.33 -13.27
N ALA C 54 12.08 2.68 -13.99
CA ALA C 54 11.76 1.43 -14.65
C ALA C 54 12.45 0.31 -13.90
N SER C 55 11.91 -0.91 -14.03
CA SER C 55 12.52 -2.11 -13.49
C SER C 55 12.42 -3.24 -14.55
N ALA C 56 13.36 -4.18 -14.49
CA ALA C 56 13.33 -5.37 -15.31
C ALA C 56 13.80 -6.54 -14.46
N ALA C 57 13.21 -7.72 -14.65
CA ALA C 57 13.64 -8.93 -13.97
C ALA C 57 13.91 -10.04 -14.98
N ILE C 58 14.73 -11.00 -14.56
CA ILE C 58 15.05 -12.20 -15.37
C ILE C 58 14.33 -13.42 -14.76
N SER C 59 13.77 -14.27 -15.64
CA SER C 59 13.11 -15.51 -15.25
CA SER C 59 13.14 -15.51 -15.20
C SER C 59 14.10 -16.67 -15.46
N ASP C 60 13.86 -17.83 -14.83
CA ASP C 60 14.75 -18.96 -15.03
C ASP C 60 14.52 -19.66 -16.40
N ASP C 61 13.65 -19.10 -17.22
CA ASP C 61 13.45 -19.53 -18.61
CA ASP C 61 13.52 -19.58 -18.60
C ASP C 61 14.14 -18.60 -19.59
N GLY C 62 14.87 -17.62 -19.07
CA GLY C 62 15.55 -16.61 -19.89
C GLY C 62 14.63 -15.48 -20.31
N ARG C 63 13.38 -15.50 -19.83
CA ARG C 63 12.47 -14.39 -20.13
C ARG C 63 12.85 -13.15 -19.31
N VAL C 64 12.48 -12.00 -19.85
CA VAL C 64 12.72 -10.74 -19.20
C VAL C 64 11.42 -9.94 -19.24
N PHE C 65 11.06 -9.36 -18.10
CA PHE C 65 9.83 -8.58 -17.99
C PHE C 65 10.19 -7.21 -17.45
N SER C 66 9.49 -6.18 -17.91
CA SER C 66 9.78 -4.82 -17.52
C SER C 66 8.50 -4.05 -17.19
N GLY C 67 8.67 -2.87 -16.55
CA GLY C 67 7.55 -2.06 -16.10
C GLY C 67 8.08 -0.78 -15.46
N VAL C 68 7.19 0.19 -15.24
CA VAL C 68 7.52 1.48 -14.65
CA VAL C 68 7.57 1.43 -14.56
C VAL C 68 6.62 1.63 -13.40
N ASN C 69 7.04 2.45 -12.46
CA ASN C 69 6.29 2.61 -11.22
C ASN C 69 5.01 3.40 -11.41
N VAL C 70 4.14 3.33 -10.41
CA VAL C 70 2.86 4.04 -10.40
C VAL C 70 2.79 4.80 -9.07
N TYR C 71 3.16 6.08 -9.11
CA TYR C 71 3.26 6.83 -7.83
C TYR C 71 1.90 7.24 -7.31
N HIS C 72 1.56 6.83 -6.09
CA HIS C 72 0.28 7.21 -5.53
C HIS C 72 0.24 7.02 -4.00
N PHE C 73 -0.40 7.96 -3.29
CA PHE C 73 -0.39 7.94 -1.81
C PHE C 73 -1.06 6.75 -1.17
N ASN C 74 -1.96 6.08 -1.89
CA ASN C 74 -2.53 4.78 -1.42
C ASN C 74 -1.57 3.56 -1.62
N GLY C 75 -0.33 3.79 -2.01
CA GLY C 75 0.64 2.71 -2.17
C GLY C 75 0.73 2.19 -3.56
N GLY C 76 0.67 3.09 -4.54
CA GLY C 76 0.90 2.72 -5.90
C GLY C 76 2.21 1.94 -6.03
N PRO C 77 2.22 0.91 -6.89
CA PRO C 77 3.41 0.03 -6.91
C PRO C 77 4.68 0.69 -7.42
N CYS C 78 5.79 0.29 -6.82
CA CYS C 78 7.08 0.54 -7.40
C CYS C 78 7.19 -0.23 -8.71
N ALA C 79 8.18 0.17 -9.50
CA ALA C 79 8.46 -0.48 -10.74
C ALA C 79 8.66 -1.96 -10.56
N GLU C 80 9.33 -2.37 -9.49
CA GLU C 80 9.63 -3.79 -9.26
C GLU C 80 8.36 -4.63 -9.08
N LEU C 81 7.34 -4.06 -8.43
CA LEU C 81 6.07 -4.77 -8.19
C LEU C 81 5.28 -4.89 -9.47
N VAL C 82 5.33 -3.85 -10.31
CA VAL C 82 4.69 -3.96 -11.64
C VAL C 82 5.35 -5.10 -12.38
N VAL C 83 6.68 -5.16 -12.37
CA VAL C 83 7.40 -6.26 -13.02
C VAL C 83 6.94 -7.64 -12.53
N LEU C 84 6.70 -7.78 -11.22
CA LEU C 84 6.22 -9.08 -10.67
C LEU C 84 4.89 -9.47 -11.27
N GLY C 85 4.01 -8.49 -11.45
CA GLY C 85 2.67 -8.70 -12.03
C GLY C 85 2.75 -9.10 -13.53
N VAL C 86 3.71 -8.53 -14.24
CA VAL C 86 3.96 -8.89 -15.65
C VAL C 86 4.53 -10.33 -15.75
N ALA C 87 5.50 -10.67 -14.91
CA ALA C 87 6.01 -12.05 -14.77
C ALA C 87 4.89 -13.04 -14.48
N ALA C 88 4.01 -12.70 -13.53
CA ALA C 88 2.90 -13.58 -13.14
C ALA C 88 1.96 -13.80 -14.31
N ALA C 89 1.72 -12.72 -15.08
CA ALA C 89 0.81 -12.77 -16.20
C ALA C 89 1.34 -13.69 -17.30
N ALA C 90 2.66 -13.81 -17.35
CA ALA C 90 3.32 -14.67 -18.34
C ALA C 90 3.52 -16.11 -17.83
N GLY C 91 3.04 -16.42 -16.64
CA GLY C 91 3.19 -17.74 -16.06
C GLY C 91 4.61 -18.05 -15.63
N ALA C 92 5.40 -17.00 -15.40
CA ALA C 92 6.84 -17.16 -15.17
C ALA C 92 7.04 -17.37 -13.71
N THR C 93 7.32 -18.60 -13.32
CA THR C 93 7.25 -19.01 -11.90
C THR C 93 8.44 -18.57 -11.00
N LYS C 94 9.65 -18.57 -11.56
CA LYS C 94 10.86 -18.20 -10.83
C LYS C 94 11.59 -17.04 -11.49
N LEU C 95 11.80 -15.99 -10.71
CA LEU C 95 12.60 -14.84 -11.12
C LEU C 95 13.91 -14.87 -10.33
N THR C 96 15.00 -14.61 -11.02
CA THR C 96 16.33 -14.81 -10.47
C THR C 96 17.09 -13.51 -10.23
N HIS C 97 16.79 -12.48 -11.02
CA HIS C 97 17.45 -11.18 -10.90
C HIS C 97 16.48 -10.06 -11.15
N ILE C 98 16.71 -8.92 -10.49
CA ILE C 98 15.90 -7.71 -10.74
C ILE C 98 16.75 -6.46 -10.53
N VAL C 99 16.39 -5.41 -11.26
CA VAL C 99 17.01 -4.11 -11.12
C VAL C 99 15.99 -2.98 -11.33
N ALA C 100 16.26 -1.83 -10.69
CA ALA C 100 15.43 -0.62 -10.79
C ALA C 100 16.37 0.49 -11.28
N ILE C 101 15.99 1.19 -12.35
CA ILE C 101 16.76 2.29 -12.92
C ILE C 101 15.91 3.54 -12.92
N ALA C 102 16.45 4.58 -12.28
CA ALA C 102 15.78 5.86 -12.19
C ALA C 102 15.95 6.73 -13.42
N ASN C 103 14.99 7.62 -13.62
CA ASN C 103 15.06 8.64 -14.69
C ASN C 103 16.09 9.75 -14.43
N GLU C 104 16.26 10.64 -15.43
CA GLU C 104 17.15 11.79 -15.29
C GLU C 104 18.61 11.39 -15.07
N GLY C 105 18.98 10.23 -15.61
CA GLY C 105 20.32 9.65 -15.48
C GLY C 105 20.78 9.40 -14.06
N ARG C 106 19.83 9.27 -13.14
CA ARG C 106 20.14 9.04 -11.75
C ARG C 106 20.73 7.65 -11.53
N GLY C 107 20.43 6.72 -12.44
CA GLY C 107 21.02 5.37 -12.41
C GLY C 107 20.30 4.35 -11.57
N ILE C 108 21.00 3.30 -11.18
CA ILE C 108 20.44 2.25 -10.32
C ILE C 108 19.95 2.77 -8.99
N LEU C 109 18.74 2.35 -8.64
CA LEU C 109 18.19 2.56 -7.30
C LEU C 109 18.12 1.21 -6.62
N SER C 110 18.56 1.12 -5.37
CA SER C 110 18.36 -0.08 -4.57
C SER C 110 16.86 -0.30 -4.35
N PRO C 111 16.43 -1.55 -4.23
CA PRO C 111 15.03 -1.69 -3.88
C PRO C 111 14.66 -1.02 -2.54
N CYS C 112 13.51 -0.39 -2.51
CA CYS C 112 12.98 0.10 -1.26
C CYS C 112 12.59 -1.09 -0.34
N GLY C 113 12.32 -0.78 0.91
CA GLY C 113 11.98 -1.80 1.85
C GLY C 113 10.77 -2.60 1.44
N ARG C 114 9.70 -1.96 0.93
CA ARG C 114 8.50 -2.76 0.59
C ARG C 114 8.85 -3.75 -0.49
N CYS C 115 9.56 -3.27 -1.53
CA CYS C 115 9.99 -4.17 -2.59
C CYS C 115 10.82 -5.36 -2.08
N ARG C 116 11.74 -5.09 -1.16
CA ARG C 116 12.48 -6.19 -0.54
C ARG C 116 11.58 -7.25 0.07
N GLN C 117 10.57 -6.81 0.82
CA GLN C 117 9.67 -7.74 1.47
C GLN C 117 8.88 -8.59 0.47
N VAL C 118 8.26 -7.93 -0.49
CA VAL C 118 7.51 -8.66 -1.52
C VAL C 118 8.40 -9.66 -2.27
N LEU C 119 9.59 -9.22 -2.65
CA LEU C 119 10.54 -10.07 -3.38
C LEU C 119 10.96 -11.28 -2.56
N ALA C 120 11.32 -11.07 -1.29
CA ALA C 120 11.69 -12.16 -0.36
C ALA C 120 10.55 -13.15 -0.15
N ASP C 121 9.34 -12.64 -0.07
CA ASP C 121 8.18 -13.48 0.25
C ASP C 121 7.72 -14.29 -0.96
N LEU C 122 7.78 -13.68 -2.13
CA LEU C 122 7.22 -14.30 -3.35
C LEU C 122 8.28 -14.90 -4.26
N HIS C 123 9.51 -14.36 -4.23
CA HIS C 123 10.62 -14.86 -5.02
C HIS C 123 11.91 -15.08 -4.23
N PRO C 124 11.87 -16.01 -3.28
CA PRO C 124 13.03 -16.25 -2.42
C PRO C 124 14.29 -16.41 -3.26
N GLY C 125 15.35 -15.73 -2.84
CA GLY C 125 16.66 -15.90 -3.40
C GLY C 125 16.94 -15.00 -4.61
N ILE C 126 15.94 -14.26 -5.07
CA ILE C 126 16.13 -13.33 -6.20
C ILE C 126 17.23 -12.31 -5.84
N LYS C 127 18.08 -12.01 -6.82
CA LYS C 127 19.16 -11.08 -6.58
C LYS C 127 18.78 -9.72 -7.10
N ALA C 128 18.94 -8.71 -6.27
CA ALA C 128 18.69 -7.33 -6.67
C ALA C 128 20.03 -6.75 -7.06
N ILE C 129 20.06 -5.99 -8.14
CA ILE C 129 21.27 -5.30 -8.57
C ILE C 129 21.32 -3.93 -7.89
N VAL C 130 22.41 -3.67 -7.17
CA VAL C 130 22.58 -2.41 -6.42
C VAL C 130 23.96 -1.83 -6.67
N ILE C 131 24.18 -0.60 -6.21
CA ILE C 131 25.48 0.03 -6.38
C ILE C 131 26.36 -0.28 -5.18
N GLY C 132 27.52 -0.89 -5.45
CA GLY C 132 28.58 -1.05 -4.44
C GLY C 132 29.88 -0.43 -4.95
N LYS C 133 30.98 -0.66 -4.23
CA LYS C 133 32.24 0.05 -4.45
C LYS C 133 32.85 -0.10 -5.85
N GLU C 134 32.94 -1.33 -6.34
CA GLU C 134 33.51 -1.60 -7.66
C GLU C 134 32.48 -1.55 -8.79
N GLY C 135 31.37 -0.83 -8.59
CA GLY C 135 30.28 -0.78 -9.58
C GLY C 135 29.09 -1.58 -9.09
N PRO C 136 28.15 -1.88 -10.00
CA PRO C 136 26.99 -2.69 -9.60
C PRO C 136 27.35 -4.08 -9.10
N LYS C 137 26.67 -4.51 -8.04
CA LYS C 137 26.80 -5.86 -7.51
C LYS C 137 25.42 -6.48 -7.46
N MET C 138 25.38 -7.79 -7.28
CA MET C 138 24.10 -8.51 -7.22
C MET C 138 23.99 -9.18 -5.85
N VAL C 139 22.89 -8.90 -5.14
CA VAL C 139 22.77 -9.29 -3.74
C VAL C 139 21.44 -9.98 -3.56
N ALA C 140 21.47 -11.18 -2.99
CA ALA C 140 20.25 -11.93 -2.72
C ALA C 140 19.38 -11.04 -1.87
N VAL C 141 18.09 -11.04 -2.13
CA VAL C 141 17.17 -10.12 -1.43
C VAL C 141 17.18 -10.34 0.09
N GLU C 142 17.35 -11.58 0.53
CA GLU C 142 17.38 -11.86 1.96
C GLU C 142 18.53 -11.11 2.67
N GLU C 143 19.66 -10.92 1.98
CA GLU C 143 20.79 -10.19 2.55
CA GLU C 143 20.78 -10.22 2.56
C GLU C 143 20.48 -8.72 2.69
N LEU C 144 19.52 -8.22 1.90
CA LEU C 144 19.00 -6.85 1.98
C LEU C 144 17.93 -6.69 3.08
N LEU C 145 17.57 -7.77 3.75
CA LEU C 145 16.69 -7.70 4.92
C LEU C 145 17.29 -8.50 6.10
N PRO C 146 18.34 -7.98 6.73
CA PRO C 146 18.88 -8.66 7.90
C PRO C 146 17.82 -8.84 8.97
N SER C 147 17.93 -9.90 9.78
CA SER C 147 16.89 -10.21 10.78
CA SER C 147 16.90 -10.22 10.76
C SER C 147 15.53 -10.19 10.10
N ILE C 148 15.39 -10.99 9.06
CA ILE C 148 14.24 -10.88 8.17
C ILE C 148 12.91 -11.23 8.85
N TYR C 149 11.85 -10.56 8.43
CA TYR C 149 10.45 -10.95 8.72
C TYR C 149 9.97 -11.81 7.57
N ALA C 150 9.53 -13.02 7.86
CA ALA C 150 9.02 -13.92 6.82
C ALA C 150 7.52 -14.03 6.98
N TRP C 151 6.78 -13.75 5.91
CA TRP C 151 5.34 -13.90 5.92
C TRP C 151 5.01 -15.40 5.93
N ASP C 152 4.18 -15.82 6.88
CA ASP C 152 3.76 -17.23 6.98
C ASP C 152 2.50 -17.43 6.16
N GLU D 25 23.63 -4.00 19.51
CA GLU D 25 23.30 -3.33 20.81
C GLU D 25 22.28 -4.13 21.62
N PRO D 26 22.61 -4.44 22.87
CA PRO D 26 21.71 -5.28 23.66
C PRO D 26 20.46 -4.54 24.13
N LEU D 27 19.38 -5.28 24.30
CA LEU D 27 18.13 -4.79 24.84
C LEU D 27 18.31 -4.09 26.18
N SER D 28 17.76 -2.88 26.28
CA SER D 28 17.76 -2.11 27.53
C SER D 28 16.48 -2.37 28.31
N ALA D 29 16.46 -1.92 29.56
CA ALA D 29 15.21 -1.92 30.34
C ALA D 29 14.05 -1.23 29.63
N ALA D 30 14.32 -0.10 28.96
CA ALA D 30 13.28 0.61 28.21
C ALA D 30 12.75 -0.26 27.07
N GLY D 31 13.66 -0.94 26.38
CA GLY D 31 13.27 -1.89 25.33
C GLY D 31 12.41 -3.05 25.86
N GLN D 32 12.82 -3.66 26.99
CA GLN D 32 11.99 -4.68 27.63
C GLN D 32 10.59 -4.14 27.97
N ASN D 33 10.53 -2.88 28.43
CA ASN D 33 9.23 -2.25 28.71
C ASN D 33 8.38 -2.14 27.45
N LEU D 34 8.99 -1.81 26.32
CA LEU D 34 8.25 -1.77 25.07
C LEU D 34 7.67 -3.15 24.71
N ILE D 35 8.49 -4.18 24.87
CA ILE D 35 8.06 -5.57 24.65
C ILE D 35 6.87 -5.89 25.53
N ASP D 36 6.97 -5.52 26.80
CA ASP D 36 5.93 -5.83 27.75
C ASP D 36 4.63 -5.10 27.42
N THR D 37 4.76 -3.82 27.02
CA THR D 37 3.58 -3.00 26.64
C THR D 37 2.89 -3.58 25.42
N ALA D 38 3.66 -3.86 24.38
CA ALA D 38 3.08 -4.42 23.14
C ALA D 38 2.48 -5.78 23.36
N THR D 39 3.14 -6.62 24.18
CA THR D 39 2.56 -7.93 24.55
C THR D 39 1.22 -7.77 25.27
N SER D 40 1.14 -6.84 26.21
CA SER D 40 -0.11 -6.58 26.93
CA SER D 40 -0.11 -6.61 26.94
C SER D 40 -1.20 -6.12 25.98
N VAL D 41 -0.84 -5.26 25.04
CA VAL D 41 -1.82 -4.77 24.08
C VAL D 41 -2.39 -5.89 23.21
N ILE D 42 -1.53 -6.69 22.58
CA ILE D 42 -2.05 -7.73 21.68
C ILE D 42 -2.84 -8.81 22.49
N ASN D 43 -2.39 -9.11 23.69
CA ASN D 43 -3.08 -10.12 24.53
C ASN D 43 -4.36 -9.65 25.15
N GLY D 44 -4.59 -8.34 25.09
CA GLY D 44 -5.81 -7.71 25.57
C GLY D 44 -7.00 -7.75 24.65
N ILE D 45 -6.81 -8.24 23.41
CA ILE D 45 -7.90 -8.33 22.44
C ILE D 45 -8.11 -9.77 21.94
N PRO D 46 -9.32 -10.04 21.40
CA PRO D 46 -9.52 -11.39 20.91
C PRO D 46 -8.52 -11.75 19.81
N VAL D 47 -8.16 -13.03 19.75
CA VAL D 47 -7.31 -13.50 18.68
C VAL D 47 -8.04 -13.33 17.34
N SER D 48 -7.36 -12.66 16.40
CA SER D 48 -7.93 -12.27 15.11
C SER D 48 -6.87 -12.45 14.03
N ASP D 49 -7.30 -12.88 12.82
CA ASP D 49 -6.39 -12.86 11.65
C ASP D 49 -6.15 -11.47 11.09
N PHE D 50 -6.98 -10.50 11.47
CA PHE D 50 -6.92 -9.13 10.90
C PHE D 50 -6.19 -8.15 11.79
N TYR D 51 -6.24 -8.39 13.10
CA TYR D 51 -5.63 -7.55 14.11
C TYR D 51 -4.78 -8.50 14.99
N SER D 52 -3.61 -8.84 14.48
CA SER D 52 -2.78 -9.97 14.99
C SER D 52 -1.42 -9.59 15.57
N VAL D 53 -1.05 -8.32 15.51
CA VAL D 53 0.27 -7.84 15.98
C VAL D 53 0.04 -6.50 16.64
N ALA D 54 0.71 -6.26 17.77
CA ALA D 54 0.78 -4.96 18.39
C ALA D 54 2.20 -4.43 18.25
N SER D 55 2.31 -3.12 18.32
CA SER D 55 3.59 -2.48 18.34
C SER D 55 3.54 -1.39 19.44
N ALA D 56 4.70 -1.13 20.01
CA ALA D 56 4.88 0.02 20.90
C ALA D 56 6.19 0.68 20.54
N ALA D 57 6.19 2.01 20.61
CA ALA D 57 7.39 2.83 20.41
C ALA D 57 7.52 3.86 21.53
N ILE D 58 8.74 4.27 21.77
CA ILE D 58 8.98 5.31 22.79
C ILE D 58 9.56 6.53 22.10
N SER D 59 9.14 7.70 22.59
CA SER D 59 9.65 8.98 22.08
C SER D 59 10.89 9.44 22.87
N ASP D 60 11.57 10.46 22.35
CA ASP D 60 12.73 10.97 23.04
C ASP D 60 12.37 11.65 24.37
N ASP D 61 11.11 12.02 24.56
CA ASP D 61 10.63 12.54 25.86
C ASP D 61 10.10 11.44 26.80
N GLY D 62 10.14 10.19 26.37
CA GLY D 62 9.83 9.04 27.22
C GLY D 62 8.38 8.57 27.15
N ARG D 63 7.57 9.19 26.30
CA ARG D 63 6.19 8.76 26.13
C ARG D 63 6.15 7.50 25.26
N VAL D 64 5.24 6.61 25.60
CA VAL D 64 5.07 5.34 24.89
C VAL D 64 3.74 5.36 24.11
N PHE D 65 3.82 4.95 22.86
CA PHE D 65 2.67 4.87 21.95
C PHE D 65 2.48 3.45 21.46
N SER D 66 1.22 2.99 21.39
CA SER D 66 0.98 1.63 20.91
C SER D 66 -0.22 1.55 19.98
N GLY D 67 -0.33 0.40 19.34
CA GLY D 67 -1.35 0.13 18.32
C GLY D 67 -1.32 -1.29 17.83
N VAL D 68 -2.33 -1.66 17.05
CA VAL D 68 -2.37 -2.98 16.41
CA VAL D 68 -2.41 -2.98 16.44
C VAL D 68 -2.51 -2.79 14.91
N ASN D 69 -2.09 -3.81 14.16
CA ASN D 69 -2.14 -3.78 12.70
C ASN D 69 -3.58 -3.83 12.19
N VAL D 70 -3.73 -3.52 10.91
CA VAL D 70 -5.01 -3.65 10.21
C VAL D 70 -4.72 -4.38 8.91
N TYR D 71 -4.97 -5.69 8.88
CA TYR D 71 -4.65 -6.48 7.69
C TYR D 71 -5.69 -6.26 6.59
N HIS D 72 -5.22 -5.86 5.42
CA HIS D 72 -6.07 -5.74 4.24
C HIS D 72 -5.22 -5.78 2.97
N PHE D 73 -5.74 -6.42 1.93
CA PHE D 73 -5.01 -6.66 0.68
C PHE D 73 -4.64 -5.39 -0.10
N ASN D 74 -5.31 -4.28 0.19
CA ASN D 74 -4.94 -2.98 -0.36
C ASN D 74 -3.75 -2.33 0.42
N GLY D 75 -3.14 -3.05 1.34
CA GLY D 75 -1.98 -2.53 2.08
C GLY D 75 -2.32 -1.92 3.44
N GLY D 76 -3.26 -2.52 4.16
CA GLY D 76 -3.56 -2.08 5.50
C GLY D 76 -2.29 -2.04 6.32
N PRO D 77 -2.20 -1.07 7.22
CA PRO D 77 -0.96 -0.84 7.88
C PRO D 77 -0.53 -1.94 8.85
N CYS D 78 0.76 -2.22 8.92
CA CYS D 78 1.30 -2.91 10.07
C CYS D 78 1.11 -2.13 11.35
N ALA D 79 1.26 -2.83 12.47
CA ALA D 79 1.14 -2.20 13.76
C ALA D 79 2.08 -1.02 13.89
N GLU D 80 3.29 -1.15 13.37
CA GLU D 80 4.29 -0.06 13.48
C GLU D 80 3.79 1.23 12.86
N LEU D 81 3.11 1.13 11.73
CA LEU D 81 2.63 2.30 11.03
C LEU D 81 1.45 2.91 11.76
N VAL D 82 0.60 2.08 12.38
CA VAL D 82 -0.45 2.63 13.23
C VAL D 82 0.16 3.41 14.40
N VAL D 83 1.17 2.83 15.03
CA VAL D 83 1.92 3.55 16.06
C VAL D 83 2.47 4.92 15.60
N LEU D 84 3.04 4.95 14.41
CA LEU D 84 3.50 6.25 13.84
C LEU D 84 2.37 7.29 13.79
N GLY D 85 1.17 6.86 13.38
CA GLY D 85 -0.02 7.74 13.36
C GLY D 85 -0.50 8.22 14.73
N VAL D 86 -0.43 7.32 15.71
CA VAL D 86 -0.76 7.63 17.08
C VAL D 86 0.26 8.63 17.67
N ALA D 87 1.54 8.38 17.44
CA ALA D 87 2.60 9.29 17.91
C ALA D 87 2.47 10.67 17.26
N ALA D 88 2.17 10.69 15.96
CA ALA D 88 2.02 11.97 15.25
C ALA D 88 0.84 12.73 15.84
N ALA D 89 -0.25 12.03 16.14
CA ALA D 89 -1.47 12.66 16.66
C ALA D 89 -1.18 13.29 18.02
N ALA D 90 -0.23 12.71 18.76
CA ALA D 90 0.20 13.22 20.06
C ALA D 90 1.30 14.27 19.94
N GLY D 91 1.73 14.59 18.73
CA GLY D 91 2.81 15.55 18.54
C GLY D 91 4.18 15.09 19.00
N ALA D 92 4.39 13.78 19.10
CA ALA D 92 5.70 13.24 19.43
C ALA D 92 6.48 13.13 18.14
N THR D 93 7.39 14.05 17.93
CA THR D 93 8.10 14.13 16.62
C THR D 93 9.28 13.17 16.50
N LYS D 94 9.87 12.77 17.63
CA LYS D 94 11.09 11.95 17.63
C LYS D 94 10.83 10.63 18.35
N LEU D 95 10.77 9.56 17.60
CA LEU D 95 10.70 8.19 18.15
C LEU D 95 12.07 7.51 18.07
N THR D 96 12.45 6.84 19.17
CA THR D 96 13.80 6.33 19.33
C THR D 96 13.91 4.81 19.25
N HIS D 97 12.86 4.12 19.70
CA HIS D 97 12.83 2.64 19.77
C HIS D 97 11.43 2.17 19.44
N ILE D 98 11.34 0.98 18.86
CA ILE D 98 10.05 0.38 18.44
C ILE D 98 10.16 -1.13 18.41
N VAL D 99 9.07 -1.82 18.75
CA VAL D 99 9.00 -3.26 18.67
C VAL D 99 7.61 -3.66 18.16
N ALA D 100 7.57 -4.82 17.54
CA ALA D 100 6.34 -5.51 17.14
C ALA D 100 6.27 -6.85 17.83
N ILE D 101 5.07 -7.17 18.34
CA ILE D 101 4.81 -8.41 19.10
C ILE D 101 3.62 -9.15 18.49
N ALA D 102 3.83 -10.43 18.15
CA ALA D 102 2.76 -11.28 17.61
C ALA D 102 1.77 -11.73 18.66
N ASN D 103 0.55 -12.03 18.20
CA ASN D 103 -0.49 -12.61 19.05
C ASN D 103 -0.21 -14.02 19.50
N GLU D 104 -1.05 -14.49 20.41
CA GLU D 104 -1.01 -15.85 20.90
C GLU D 104 0.35 -16.28 21.47
N GLY D 105 1.00 -15.33 22.14
CA GLY D 105 2.32 -15.52 22.78
C GLY D 105 3.51 -15.78 21.88
N ARG D 106 3.41 -15.41 20.61
CA ARG D 106 4.42 -15.74 19.58
CA ARG D 106 4.50 -15.78 19.70
C ARG D 106 5.71 -14.86 19.63
N GLY D 107 5.67 -13.78 20.40
CA GLY D 107 6.89 -12.99 20.62
C GLY D 107 7.26 -11.93 19.59
N ILE D 108 8.53 -11.52 19.64
CA ILE D 108 9.06 -10.45 18.77
C ILE D 108 9.00 -10.83 17.30
N LEU D 109 8.52 -9.88 16.48
CA LEU D 109 8.57 -9.95 15.03
C LEU D 109 9.46 -8.83 14.56
N SER D 110 10.42 -9.18 13.71
CA SER D 110 11.20 -8.13 13.07
C SER D 110 10.31 -7.24 12.20
N PRO D 111 10.68 -5.95 12.06
CA PRO D 111 9.93 -5.12 11.13
C PRO D 111 10.00 -5.66 9.69
N CYS D 112 8.87 -5.65 8.98
CA CYS D 112 8.87 -6.02 7.58
C CYS D 112 9.57 -4.93 6.79
N GLY D 113 9.84 -5.21 5.53
CA GLY D 113 10.52 -4.26 4.69
C GLY D 113 9.81 -2.92 4.57
N ARG D 114 8.49 -2.94 4.42
CA ARG D 114 7.78 -1.66 4.28
C ARG D 114 7.97 -0.85 5.54
N CYS D 115 7.78 -1.49 6.68
CA CYS D 115 7.96 -0.76 7.95
C CYS D 115 9.36 -0.20 8.04
N ARG D 116 10.37 -0.97 7.66
CA ARG D 116 11.75 -0.44 7.68
C ARG D 116 11.90 0.81 6.81
N GLN D 117 11.33 0.79 5.63
CA GLN D 117 11.46 1.93 4.74
C GLN D 117 10.76 3.16 5.33
N VAL D 118 9.53 3.00 5.80
CA VAL D 118 8.78 4.15 6.35
C VAL D 118 9.48 4.71 7.59
N LEU D 119 9.95 3.83 8.45
CA LEU D 119 10.71 4.24 9.63
C LEU D 119 12.03 4.93 9.27
N ALA D 120 12.79 4.44 8.28
CA ALA D 120 14.07 5.08 7.92
C ALA D 120 13.78 6.47 7.33
N ASP D 121 12.71 6.59 6.54
CA ASP D 121 12.40 7.87 5.88
C ASP D 121 11.85 8.91 6.87
N LEU D 122 10.98 8.49 7.80
CA LEU D 122 10.28 9.44 8.66
C LEU D 122 10.88 9.57 10.08
N HIS D 123 11.59 8.54 10.55
CA HIS D 123 12.22 8.56 11.87
C HIS D 123 13.65 8.05 11.81
N PRO D 124 14.49 8.76 11.09
CA PRO D 124 15.85 8.26 10.91
C PRO D 124 16.52 7.92 12.23
N GLY D 125 17.21 6.80 12.23
CA GLY D 125 17.92 6.31 13.39
C GLY D 125 17.11 5.62 14.48
N ILE D 126 15.78 5.50 14.30
CA ILE D 126 14.99 4.72 15.21
C ILE D 126 15.49 3.28 15.24
N LYS D 127 15.56 2.72 16.44
CA LYS D 127 16.05 1.37 16.63
C LYS D 127 14.87 0.44 16.80
N ALA D 128 14.90 -0.60 15.99
CA ALA D 128 13.91 -1.67 16.07
C ALA D 128 14.45 -2.83 16.91
N ILE D 129 13.61 -3.36 17.80
CA ILE D 129 13.94 -4.53 18.63
C ILE D 129 13.69 -5.83 17.88
N VAL D 130 14.72 -6.66 17.84
CA VAL D 130 14.65 -7.92 17.09
C VAL D 130 15.34 -9.02 17.90
N ILE D 131 15.05 -10.25 17.49
CA ILE D 131 15.70 -11.43 18.07
C ILE D 131 17.17 -11.39 17.72
N GLY D 132 18.01 -11.74 18.67
CA GLY D 132 19.43 -11.84 18.43
C GLY D 132 20.07 -13.06 19.06
N LYS D 133 21.34 -13.23 18.75
CA LYS D 133 22.06 -14.43 19.18
C LYS D 133 22.19 -14.63 20.70
N GLU D 134 22.41 -13.57 21.48
CA GLU D 134 22.55 -13.68 22.95
C GLU D 134 21.35 -13.14 23.68
N GLY D 135 20.38 -12.67 22.93
CA GLY D 135 19.24 -12.00 23.48
C GLY D 135 18.76 -10.98 22.46
N PRO D 136 17.63 -10.33 22.74
CA PRO D 136 17.13 -9.37 21.78
C PRO D 136 18.08 -8.22 21.66
N LYS D 137 18.10 -7.66 20.46
CA LYS D 137 19.00 -6.55 20.16
CA LYS D 137 19.00 -6.57 20.07
C LYS D 137 18.18 -5.37 19.62
N MET D 138 18.82 -4.21 19.61
CA MET D 138 18.15 -2.97 19.23
C MET D 138 18.95 -2.43 18.05
N VAL D 139 18.36 -2.45 16.85
CA VAL D 139 19.12 -2.20 15.61
C VAL D 139 18.56 -0.95 14.91
N ALA D 140 19.43 0.04 14.67
CA ALA D 140 19.04 1.25 13.90
C ALA D 140 18.44 0.78 12.60
N VAL D 141 17.32 1.36 12.21
CA VAL D 141 16.60 0.87 11.03
C VAL D 141 17.41 0.90 9.73
N GLU D 142 18.34 1.83 9.64
CA GLU D 142 19.17 1.90 8.45
C GLU D 142 20.02 0.65 8.27
N GLU D 143 20.44 0.05 9.38
CA GLU D 143 21.21 -1.18 9.33
C GLU D 143 20.36 -2.36 8.93
N LEU D 144 19.03 -2.23 9.09
CA LEU D 144 18.07 -3.19 8.56
C LEU D 144 17.73 -3.02 7.08
N LEU D 145 18.31 -2.02 6.43
CA LEU D 145 18.18 -1.81 4.99
C LEU D 145 19.57 -1.51 4.42
N PRO D 146 20.44 -2.53 4.40
CA PRO D 146 21.74 -2.35 3.74
C PRO D 146 21.58 -1.88 2.27
N SER D 147 22.53 -1.11 1.74
CA SER D 147 22.40 -0.51 0.39
C SER D 147 21.04 0.19 0.27
N ILE D 148 20.80 1.11 1.20
CA ILE D 148 19.46 1.68 1.39
C ILE D 148 19.00 2.53 0.23
N TYR D 149 17.69 2.56 0.01
CA TYR D 149 17.03 3.55 -0.81
C TYR D 149 16.58 4.66 0.13
N ALA D 150 17.14 5.84 -0.08
CA ALA D 150 16.80 7.01 0.72
C ALA D 150 15.87 7.92 -0.07
N TRP D 151 14.60 7.97 0.32
CA TRP D 151 13.61 8.83 -0.32
C TRP D 151 13.95 10.29 -0.06
N ASP D 152 13.92 11.11 -1.10
CA ASP D 152 14.07 12.56 -0.92
C ASP D 152 12.67 13.02 -0.68
N LYS D 153 12.35 13.20 0.60
CA LYS D 153 10.99 13.50 1.04
C LYS D 153 10.42 14.81 0.57
N ASP D 154 11.26 15.65 -0.02
CA ASP D 154 10.82 16.92 -0.54
C ASP D 154 9.96 16.75 -1.79
N TYR D 155 10.00 15.57 -2.41
CA TYR D 155 9.27 15.36 -3.67
C TYR D 155 8.41 14.14 -3.70
N ASP D 156 7.29 14.27 -4.39
CA ASP D 156 6.34 13.18 -4.57
C ASP D 156 6.81 12.33 -5.74
N ARG D 157 8.04 11.83 -5.63
CA ARG D 157 8.58 10.92 -6.62
C ARG D 157 9.63 10.00 -6.01
N ILE D 158 9.86 8.88 -6.69
CA ILE D 158 10.89 7.91 -6.30
C ILE D 158 12.17 8.17 -7.09
#